data_8RXQ
#
_entry.id   8RXQ
#
_cell.length_a   123.135
_cell.length_b   61.309
_cell.length_c   80.186
_cell.angle_alpha   90.00
_cell.angle_beta   117.42
_cell.angle_gamma   90.00
#
_symmetry.space_group_name_H-M   'C 1 2 1'
#
loop_
_entity.id
_entity.type
_entity.pdbx_description
1 polymer 'Transcriptional enhancer factor TEF-4'
2 non-polymer 'ethyl (~{E})-3-(5-phenylmethoxy-1~{H}-indol-3-yl)prop-2-enoate'
#
_entity_poly.entity_id   1
_entity_poly.type   'polypeptide(L)'
_entity_poly.pdbx_seq_one_letter_code
;MAWQARGLGTARLQLVEFSAFVEPPDAVDSYQRHLFVHISQHCPSPGAPPLESVDVRQIYDKFPEKKGGLRELYDRGPPH
AFFLVKFWADLNWGPSGEEAGAGGSISSGGFYGVSSQYESLEHMTLTCSSKVCSFGKQVVEKVETERAQLEDGRFVYRLL
RSPMCEYLVNFLHKLRQLPERYMMNSVLENFTILQVVTNRDTQELLLCTAYVFEVSTSERGAQHHIYRLVRDVEHHHHHH
;
_entity_poly.pdbx_strand_id   B,A
#
loop_
_chem_comp.id
_chem_comp.type
_chem_comp.name
_chem_comp.formula
A1H3X non-polymer 'ethyl (~{E})-3-(5-phenylmethoxy-1~{H}-indol-3-yl)prop-2-enoate' 'C20 H19 N O3'
#
# COMPACT_ATOMS: atom_id res chain seq x y z
N TRP A 3 4.16 12.01 31.05
CA TRP A 3 5.03 12.04 29.88
C TRP A 3 4.21 12.25 28.60
N GLN A 4 3.42 13.32 28.58
CA GLN A 4 2.48 13.56 27.49
C GLN A 4 3.15 14.29 26.34
N ALA A 5 2.68 14.00 25.13
CA ALA A 5 3.29 14.52 23.91
C ALA A 5 2.88 15.97 23.66
N ARG A 6 3.79 16.68 23.00
CA ARG A 6 3.62 18.07 22.63
C ARG A 6 3.53 18.24 21.12
N GLY A 7 4.09 17.30 20.38
CA GLY A 7 3.98 17.30 18.94
C GLY A 7 3.45 15.96 18.45
N LEU A 8 3.31 15.87 17.13
CA LEU A 8 2.89 14.63 16.50
C LEU A 8 4.12 13.72 16.38
N GLY A 9 4.36 12.92 17.41
CA GLY A 9 5.50 12.03 17.43
C GLY A 9 5.67 11.41 18.79
N THR A 10 6.53 10.40 18.84
CA THR A 10 6.95 9.77 20.09
C THR A 10 8.46 9.92 20.24
N ALA A 11 9.01 9.33 21.31
CA ALA A 11 10.45 9.36 21.53
C ALA A 11 11.20 8.59 20.46
N ARG A 12 10.53 7.63 19.83
CA ARG A 12 11.15 6.77 18.85
C ARG A 12 11.06 7.35 17.45
N LEU A 13 9.97 8.04 17.14
CA LEU A 13 9.75 8.47 15.77
C LEU A 13 8.95 9.75 15.81
N GLN A 14 9.42 10.76 15.09
CA GLN A 14 8.77 12.05 15.05
C GLN A 14 8.46 12.43 13.62
N LEU A 15 7.31 13.08 13.42
CA LEU A 15 7.01 13.68 12.15
C LEU A 15 7.77 14.98 12.03
N VAL A 16 8.44 15.19 10.90
CA VAL A 16 9.13 16.44 10.63
C VAL A 16 8.36 17.27 9.64
N GLU A 17 7.97 16.66 8.54
CA GLU A 17 7.13 17.41 7.62
C GLU A 17 6.23 16.44 6.87
N PHE A 18 5.03 16.91 6.59
CA PHE A 18 4.10 16.22 5.73
C PHE A 18 3.41 17.26 4.87
N SER A 19 3.10 16.89 3.63
CA SER A 19 2.24 17.74 2.83
C SER A 19 1.67 16.94 1.68
N ALA A 20 0.47 17.35 1.25
CA ALA A 20 -0.11 16.94 -0.01
C ALA A 20 -0.18 18.20 -0.86
N PHE A 21 0.17 18.10 -2.14
CA PHE A 21 0.35 19.32 -2.92
C PHE A 21 0.07 19.01 -4.37
N VAL A 22 0.02 20.07 -5.18
CA VAL A 22 -0.09 19.93 -6.64
C VAL A 22 0.79 20.99 -7.29
N GLU A 23 1.45 20.63 -8.38
CA GLU A 23 2.23 21.59 -9.13
C GLU A 23 1.63 21.74 -10.52
N PRO A 24 1.33 22.95 -10.98
CA PRO A 24 0.70 23.12 -12.30
C PRO A 24 1.69 22.78 -13.41
N PRO A 25 1.20 22.51 -14.61
CA PRO A 25 2.13 22.32 -15.73
C PRO A 25 3.10 23.46 -15.90
N ASP A 26 2.62 24.70 -15.74
CA ASP A 26 3.49 25.87 -15.90
C ASP A 26 4.55 25.99 -14.80
N ALA A 27 4.65 25.00 -13.90
CA ALA A 27 5.70 25.02 -12.89
C ALA A 27 7.09 24.80 -13.50
N VAL A 28 7.18 24.06 -14.60
CA VAL A 28 8.47 23.86 -15.25
C VAL A 28 9.02 25.16 -15.83
N ASP A 29 8.19 26.19 -15.93
CA ASP A 29 8.66 27.52 -16.28
C ASP A 29 8.85 28.35 -15.01
N SER A 30 7.76 28.81 -14.41
CA SER A 30 7.85 29.51 -13.14
C SER A 30 7.25 28.58 -12.09
N TYR A 31 8.10 28.05 -11.21
CA TYR A 31 7.65 27.04 -10.26
C TYR A 31 6.64 27.63 -9.30
N GLN A 32 5.79 26.76 -8.78
CA GLN A 32 4.87 27.07 -7.70
C GLN A 32 4.21 25.76 -7.34
N ARG A 33 3.87 25.60 -6.08
CA ARG A 33 3.10 24.47 -5.73
C ARG A 33 2.00 24.91 -4.82
N HIS A 34 0.90 24.21 -4.94
CA HIS A 34 -0.27 24.47 -4.11
C HIS A 34 -0.38 23.38 -3.07
N LEU A 35 -0.45 23.76 -1.80
CA LEU A 35 -0.56 22.82 -0.68
C LEU A 35 -2.02 22.62 -0.30
N PHE A 36 -2.52 21.39 -0.49
CA PHE A 36 -3.83 21.03 0.03
C PHE A 36 -3.82 21.01 1.55
N VAL A 37 -2.89 20.24 2.15
CA VAL A 37 -2.64 20.20 3.59
C VAL A 37 -1.13 20.11 3.79
N HIS A 38 -0.69 20.43 5.00
CA HIS A 38 0.74 20.60 5.24
C HIS A 38 1.09 20.78 6.70
N ILE A 39 1.64 19.77 7.35
CA ILE A 39 2.15 19.89 8.71
C ILE A 39 3.66 20.15 8.67
N SER A 40 4.17 20.92 9.62
CA SER A 40 5.59 21.27 9.61
C SER A 40 6.05 21.48 11.05
N GLN A 41 6.86 20.57 11.58
CA GLN A 41 7.34 20.65 12.96
C GLN A 41 8.85 20.83 12.98
N HIS A 42 9.32 22.04 12.65
CA HIS A 42 10.75 22.36 12.65
C HIS A 42 11.20 22.99 13.98
N PRO A 49 3.81 22.98 25.61
CA PRO A 49 2.47 22.58 26.05
C PRO A 49 1.93 21.29 25.41
N PRO A 50 1.37 20.42 26.25
CA PRO A 50 0.80 19.16 25.74
C PRO A 50 -0.41 19.41 24.84
N LEU A 51 -0.48 18.64 23.76
CA LEU A 51 -1.58 18.78 22.82
C LEU A 51 -2.88 18.33 23.47
N GLU A 52 -3.98 18.75 22.88
CA GLU A 52 -5.29 18.43 23.42
C GLU A 52 -5.69 17.01 23.05
N SER A 53 -6.28 16.32 24.00
CA SER A 53 -6.68 14.94 23.79
C SER A 53 -8.08 14.85 23.23
N VAL A 54 -8.33 13.75 22.51
CA VAL A 54 -9.63 13.45 21.93
C VAL A 54 -9.85 11.96 22.10
N ASP A 55 -10.93 11.57 22.79
CA ASP A 55 -11.17 10.16 23.08
C ASP A 55 -11.36 9.38 21.79
N VAL A 56 -10.57 8.31 21.62
CA VAL A 56 -10.52 7.61 20.35
C VAL A 56 -11.89 7.03 20.01
N ARG A 57 -12.71 6.74 21.02
CA ARG A 57 -14.02 6.12 20.78
C ARG A 57 -14.91 7.00 19.90
N GLN A 58 -14.89 8.31 20.13
CA GLN A 58 -15.68 9.26 19.34
C GLN A 58 -15.39 9.24 17.84
N ILE A 59 -14.45 8.42 17.36
CA ILE A 59 -14.15 8.39 15.94
C ILE A 59 -14.06 6.95 15.42
N TYR A 60 -14.52 5.99 16.24
CA TYR A 60 -14.39 4.57 15.89
C TYR A 60 -15.05 4.24 14.56
N ASP A 61 -16.31 4.62 14.41
CA ASP A 61 -17.11 4.27 13.25
C ASP A 61 -16.73 5.05 12.00
N LYS A 62 -15.79 5.99 12.10
CA LYS A 62 -15.27 6.69 10.93
C LYS A 62 -14.09 5.98 10.30
N PHE A 63 -13.69 4.80 10.83
CA PHE A 63 -12.48 4.10 10.36
C PHE A 63 -12.71 2.60 10.16
N PRO A 64 -11.73 1.85 9.64
CA PRO A 64 -11.96 0.40 9.44
C PRO A 64 -12.29 -0.31 10.75
N GLU A 65 -12.76 -1.55 10.60
CA GLU A 65 -13.22 -2.33 11.73
C GLU A 65 -12.29 -3.53 11.88
N LYS A 66 -12.62 -4.69 11.31
CA LYS A 66 -11.78 -5.87 11.48
C LYS A 66 -10.36 -5.60 10.95
N LYS A 67 -9.36 -6.04 11.73
CA LYS A 67 -7.93 -5.96 11.42
C LYS A 67 -7.48 -4.65 10.78
N GLY A 68 -6.76 -3.83 11.54
CA GLY A 68 -6.20 -2.59 11.01
C GLY A 68 -7.12 -1.40 11.07
N GLY A 69 -8.26 -1.52 11.75
CA GLY A 69 -9.07 -0.36 12.06
C GLY A 69 -8.56 0.33 13.29
N LEU A 70 -9.23 1.43 13.63
CA LEU A 70 -8.76 2.28 14.72
C LEU A 70 -8.75 1.55 16.06
N ARG A 71 -9.85 0.88 16.41
CA ARG A 71 -9.90 0.23 17.71
C ARG A 71 -8.87 -0.89 17.80
N GLU A 72 -8.87 -1.81 16.84
CA GLU A 72 -7.99 -2.99 16.94
C GLU A 72 -6.52 -2.62 16.95
N LEU A 73 -6.16 -1.45 16.40
CA LEU A 73 -4.79 -0.94 16.49
C LEU A 73 -4.51 -0.37 17.86
N TYR A 74 -5.42 0.46 18.37
CA TYR A 74 -5.31 1.01 19.71
C TYR A 74 -5.25 -0.06 20.79
N ASP A 75 -5.75 -1.27 20.52
CA ASP A 75 -5.65 -2.33 21.52
C ASP A 75 -4.29 -3.02 21.50
N ARG A 76 -3.58 -2.98 20.37
CA ARG A 76 -2.19 -3.43 20.36
C ARG A 76 -1.26 -2.42 21.01
N GLY A 77 -1.66 -1.16 21.09
CA GLY A 77 -0.82 -0.13 21.64
C GLY A 77 0.33 0.16 20.70
N PRO A 78 1.28 1.00 21.13
CA PRO A 78 1.31 1.74 22.41
C PRO A 78 0.32 2.88 22.34
N PRO A 79 -0.51 3.10 23.36
CA PRO A 79 -1.53 4.15 23.25
C PRO A 79 -0.96 5.52 22.92
N HIS A 80 0.24 5.84 23.42
CA HIS A 80 0.85 7.15 23.23
C HIS A 80 1.29 7.40 21.79
N ALA A 81 1.23 6.40 20.91
CA ALA A 81 1.60 6.58 19.52
C ALA A 81 0.45 7.06 18.63
N PHE A 82 -0.73 7.32 19.20
CA PHE A 82 -1.95 7.61 18.44
C PHE A 82 -2.29 9.11 18.48
N PHE A 83 -2.58 9.67 17.30
CA PHE A 83 -2.84 11.09 17.12
C PHE A 83 -4.00 11.29 16.16
N LEU A 84 -4.78 12.32 16.43
CA LEU A 84 -5.78 12.80 15.48
C LEU A 84 -5.31 14.14 14.93
N VAL A 85 -5.32 14.25 13.60
CA VAL A 85 -4.99 15.49 12.91
C VAL A 85 -6.22 15.91 12.14
N LYS A 86 -6.78 17.04 12.52
CA LYS A 86 -7.91 17.61 11.81
C LYS A 86 -7.38 18.64 10.81
N PHE A 87 -7.75 18.50 9.56
CA PHE A 87 -7.28 19.36 8.49
C PHE A 87 -8.39 20.31 8.03
N TRP A 88 -8.00 21.54 7.70
CA TRP A 88 -8.80 22.44 6.87
C TRP A 88 -8.11 22.53 5.51
N ALA A 89 -8.66 21.85 4.52
CA ALA A 89 -7.97 21.75 3.25
C ALA A 89 -8.12 23.04 2.44
N ASP A 90 -7.02 23.52 1.86
CA ASP A 90 -7.11 24.58 0.86
C ASP A 90 -7.43 23.92 -0.46
N LEU A 91 -8.66 24.12 -0.95
CA LEU A 91 -9.10 23.54 -2.22
C LEU A 91 -9.31 24.56 -3.34
N ASN A 92 -8.55 25.65 -3.35
CA ASN A 92 -8.70 26.65 -4.41
C ASN A 92 -7.34 26.81 -5.09
N TRP A 93 -7.07 25.95 -6.08
CA TRP A 93 -5.79 25.95 -6.79
C TRP A 93 -5.98 26.19 -8.28
N SER A 108 -6.91 19.51 -14.47
CA SER A 108 -6.13 20.58 -15.08
C SER A 108 -4.75 20.08 -15.52
N GLY A 109 -4.49 18.78 -15.31
CA GLY A 109 -3.34 18.09 -15.89
C GLY A 109 -1.97 18.40 -15.30
N GLY A 110 -1.85 18.39 -13.97
CA GLY A 110 -0.60 18.65 -13.29
C GLY A 110 -0.24 17.53 -12.33
N PHE A 111 0.90 17.69 -11.66
CA PHE A 111 1.46 16.63 -10.82
C PHE A 111 0.98 16.76 -9.39
N TYR A 112 0.31 15.72 -8.89
CA TYR A 112 -0.21 15.68 -7.52
C TYR A 112 0.71 14.81 -6.68
N GLY A 113 1.06 15.28 -5.48
CA GLY A 113 2.05 14.55 -4.69
C GLY A 113 1.85 14.66 -3.20
N VAL A 114 2.44 13.69 -2.51
CA VAL A 114 2.52 13.62 -1.05
C VAL A 114 3.98 13.44 -0.63
N SER A 115 4.38 14.12 0.44
CA SER A 115 5.73 14.01 1.01
C SER A 115 5.64 13.78 2.51
N SER A 116 6.37 12.81 3.02
CA SER A 116 6.46 12.58 4.45
C SER A 116 7.93 12.55 4.86
N GLN A 117 8.20 13.00 6.08
CA GLN A 117 9.55 12.94 6.61
C GLN A 117 9.50 12.66 8.10
N TYR A 118 10.32 11.71 8.54
CA TYR A 118 10.39 11.31 9.94
C TYR A 118 11.86 11.29 10.40
N GLU A 119 12.05 11.46 11.70
CA GLU A 119 13.36 11.34 12.31
C GLU A 119 13.32 10.33 13.45
N SER A 120 14.48 9.78 13.76
CA SER A 120 14.54 8.83 14.85
C SER A 120 15.87 8.97 15.58
N LEU A 121 15.91 8.46 16.80
CA LEU A 121 17.21 8.31 17.43
C LEU A 121 17.85 7.00 17.02
N GLU A 122 17.07 5.94 16.92
CA GLU A 122 17.57 4.64 16.48
C GLU A 122 17.32 4.44 14.99
N HIS A 123 17.99 3.44 14.46
CA HIS A 123 18.04 3.15 13.03
C HIS A 123 17.06 2.03 12.72
N MET A 124 16.01 2.33 11.97
CA MET A 124 15.04 1.30 11.66
C MET A 124 14.68 1.35 10.18
N THR A 125 13.95 0.33 9.77
CA THR A 125 13.33 0.29 8.45
C THR A 125 11.84 0.46 8.71
N LEU A 126 11.30 1.60 8.27
CA LEU A 126 9.89 1.91 8.48
C LEU A 126 9.02 1.27 7.41
N THR A 127 7.82 0.84 7.80
CA THR A 127 6.75 0.57 6.85
C THR A 127 5.62 1.55 7.11
N CYS A 128 5.10 2.10 6.04
CA CYS A 128 4.26 3.28 6.11
C CYS A 128 3.00 2.98 5.32
N SER A 129 1.86 2.84 6.03
CA SER A 129 0.60 2.49 5.39
C SER A 129 -0.32 3.69 5.37
N SER A 130 -0.90 3.97 4.22
CA SER A 130 -1.91 5.00 4.06
C SER A 130 -3.23 4.38 3.60
N LYS A 131 -4.13 4.08 4.53
CA LYS A 131 -5.48 3.65 4.20
C LYS A 131 -6.42 4.84 4.07
N VAL A 132 -6.94 5.07 2.87
CA VAL A 132 -7.98 6.07 2.63
C VAL A 132 -9.35 5.40 2.75
N CYS A 133 -10.22 5.95 3.59
CA CYS A 133 -11.52 5.35 3.86
C CYS A 133 -12.64 6.31 3.48
N SER A 134 -13.66 5.79 2.79
CA SER A 134 -14.89 6.51 2.53
C SER A 134 -16.04 5.85 3.28
N PHE A 135 -16.64 6.59 4.22
CA PHE A 135 -17.64 6.04 5.14
C PHE A 135 -17.03 4.95 6.02
N GLY A 136 -15.74 5.01 6.30
CA GLY A 136 -15.12 3.98 7.10
C GLY A 136 -14.76 2.69 6.38
N LYS A 137 -15.15 2.53 5.12
CA LYS A 137 -14.72 1.39 4.32
C LYS A 137 -13.34 1.71 3.73
N GLN A 138 -12.39 0.78 3.90
CA GLN A 138 -11.06 0.94 3.32
C GLN A 138 -11.18 0.93 1.80
N VAL A 139 -10.88 2.04 1.16
CA VAL A 139 -11.12 2.23 -0.26
C VAL A 139 -9.87 2.04 -1.07
N VAL A 140 -8.79 2.65 -0.61
CA VAL A 140 -7.49 2.64 -1.28
C VAL A 140 -6.41 2.62 -0.22
N GLU A 141 -5.36 1.84 -0.47
CA GLU A 141 -4.26 1.68 0.46
C GLU A 141 -2.95 1.78 -0.30
N LYS A 142 -1.98 2.46 0.30
CA LYS A 142 -0.61 2.46 -0.20
C LYS A 142 0.31 2.06 0.95
N VAL A 143 1.26 1.17 0.67
CA VAL A 143 2.22 0.73 1.67
C VAL A 143 3.61 0.93 1.08
N GLU A 144 4.45 1.67 1.80
CA GLU A 144 5.83 1.92 1.41
C GLU A 144 6.74 1.55 2.55
N THR A 145 7.99 1.29 2.21
CA THR A 145 9.03 1.11 3.22
C THR A 145 10.13 2.13 2.98
N GLU A 146 10.79 2.54 4.06
CA GLU A 146 11.89 3.48 3.93
C GLU A 146 12.97 3.12 4.93
N ARG A 147 14.18 2.87 4.41
CA ARG A 147 15.35 2.63 5.24
C ARG A 147 15.85 3.96 5.80
N ALA A 148 16.33 3.93 7.04
CA ALA A 148 16.94 5.12 7.64
C ALA A 148 18.18 5.57 6.87
N GLN A 149 18.40 6.88 6.83
CA GLN A 149 19.67 7.43 6.36
C GLN A 149 20.23 8.33 7.46
N LEU A 150 21.46 8.03 7.88
CA LEU A 150 22.11 8.72 8.99
C LEU A 150 22.45 10.14 8.58
N GLU A 151 21.96 11.10 9.34
CA GLU A 151 22.34 12.49 9.12
C GLU A 151 22.94 13.05 10.40
N ASP A 152 22.70 14.31 10.73
CA ASP A 152 23.49 15.00 11.75
C ASP A 152 23.24 14.38 13.12
N GLY A 153 23.97 13.29 13.40
CA GLY A 153 23.85 12.55 14.65
C GLY A 153 22.59 11.72 14.83
N ARG A 154 21.63 11.83 13.91
CA ARG A 154 20.32 11.21 14.01
C ARG A 154 19.99 10.58 12.68
N PHE A 155 18.98 9.72 12.69
CA PHE A 155 18.50 9.04 11.51
C PHE A 155 17.31 9.78 10.91
N VAL A 156 17.19 9.70 9.59
CA VAL A 156 16.20 10.47 8.86
C VAL A 156 15.52 9.56 7.83
N TYR A 157 14.20 9.73 7.70
CA TYR A 157 13.40 8.90 6.80
C TYR A 157 12.59 9.81 5.87
N ARG A 158 12.73 9.60 4.57
CA ARG A 158 12.29 10.56 3.57
C ARG A 158 11.47 9.84 2.51
N LEU A 159 10.18 10.15 2.49
CA LEU A 159 9.25 9.63 1.48
C LEU A 159 8.67 10.81 0.69
N LEU A 160 9.55 11.52 -0.01
CA LEU A 160 9.16 12.76 -0.65
C LEU A 160 8.49 12.51 -1.98
N ARG A 161 7.47 13.29 -2.27
CA ARG A 161 6.94 13.45 -3.62
C ARG A 161 6.31 12.16 -4.15
N SER A 162 5.81 11.31 -3.26
CA SER A 162 5.08 10.14 -3.74
C SER A 162 3.92 10.63 -4.60
N PRO A 163 3.69 10.05 -5.76
CA PRO A 163 2.54 10.49 -6.57
C PRO A 163 1.23 10.07 -5.91
N MET A 164 0.30 11.03 -5.77
CA MET A 164 -1.02 10.77 -5.22
C MET A 164 -1.71 9.67 -6.02
N CYS A 165 -2.38 8.74 -5.32
CA CYS A 165 -3.15 7.72 -6.01
C CYS A 165 -4.34 8.34 -6.71
N GLU A 166 -4.65 7.82 -7.91
CA GLU A 166 -5.56 8.46 -8.83
C GLU A 166 -6.96 8.63 -8.22
N TYR A 167 -7.31 7.82 -7.22
CA TYR A 167 -8.56 7.99 -6.50
C TYR A 167 -8.58 9.32 -5.77
N LEU A 168 -7.50 9.65 -5.06
CA LEU A 168 -7.44 10.93 -4.37
C LEU A 168 -7.43 12.10 -5.36
N VAL A 169 -6.67 11.99 -6.44
CA VAL A 169 -6.65 13.10 -7.41
C VAL A 169 -8.05 13.34 -7.94
N ASN A 170 -8.75 12.27 -8.31
CA ASN A 170 -10.09 12.41 -8.91
C ASN A 170 -11.09 12.91 -7.87
N PHE A 171 -11.03 12.36 -6.65
CA PHE A 171 -11.85 12.88 -5.56
C PHE A 171 -11.73 14.38 -5.39
N LEU A 172 -10.56 14.94 -5.72
CA LEU A 172 -10.32 16.36 -5.47
C LEU A 172 -10.91 17.24 -6.56
N HIS A 173 -10.86 16.80 -7.82
CA HIS A 173 -11.47 17.58 -8.90
C HIS A 173 -12.99 17.57 -8.77
N LYS A 174 -13.54 16.44 -8.33
CA LYS A 174 -14.96 16.39 -8.06
C LYS A 174 -15.30 17.27 -6.87
N LEU A 175 -14.59 17.08 -5.75
CA LEU A 175 -14.86 17.84 -4.54
C LEU A 175 -14.56 19.33 -4.71
N ARG A 176 -13.83 19.71 -5.75
CA ARG A 176 -13.59 21.12 -6.01
C ARG A 176 -14.73 21.77 -6.77
N GLN A 177 -15.45 21.00 -7.57
CA GLN A 177 -16.47 21.56 -8.42
C GLN A 177 -17.84 21.71 -7.72
N LEU A 178 -17.99 21.14 -6.51
CA LEU A 178 -19.19 21.28 -5.70
C LEU A 178 -19.51 22.76 -5.57
N PRO A 179 -20.79 23.14 -5.49
CA PRO A 179 -21.17 24.56 -5.50
C PRO A 179 -21.19 25.25 -4.14
N GLU A 180 -21.01 24.55 -3.03
CA GLU A 180 -21.11 25.15 -1.71
C GLU A 180 -20.13 24.49 -0.76
N ARG A 181 -19.57 25.29 0.15
CA ARG A 181 -18.64 24.76 1.12
C ARG A 181 -19.32 23.77 2.06
N TYR A 182 -20.58 24.03 2.42
CA TYR A 182 -21.23 23.14 3.38
C TYR A 182 -21.44 21.77 2.77
N MET A 183 -21.71 21.72 1.46
CA MET A 183 -21.72 20.45 0.74
C MET A 183 -20.33 19.82 0.74
N MET A 184 -19.29 20.62 0.52
CA MET A 184 -17.91 20.12 0.55
C MET A 184 -17.62 19.46 1.89
N ASN A 185 -17.91 20.15 2.99
CA ASN A 185 -17.64 19.57 4.30
C ASN A 185 -18.56 18.40 4.61
N SER A 186 -19.72 18.29 3.94
CA SER A 186 -20.62 17.16 4.17
C SER A 186 -20.03 15.88 3.62
N VAL A 187 -19.65 15.91 2.34
CA VAL A 187 -18.88 14.83 1.74
C VAL A 187 -17.73 14.43 2.65
N LEU A 188 -16.81 15.38 2.88
CA LEU A 188 -15.59 15.19 3.66
C LEU A 188 -15.83 14.62 5.04
N GLU A 189 -17.07 14.60 5.52
CA GLU A 189 -17.36 14.05 6.84
C GLU A 189 -17.27 12.53 6.83
N ASN A 190 -17.36 11.94 5.65
CA ASN A 190 -17.28 10.50 5.48
C ASN A 190 -15.96 10.09 4.84
N PHE A 191 -15.01 11.00 4.82
CA PHE A 191 -13.74 10.80 4.14
C PHE A 191 -12.67 10.91 5.22
N THR A 192 -11.99 9.81 5.52
CA THR A 192 -10.89 9.83 6.47
C THR A 192 -9.69 9.02 5.97
N ILE A 193 -8.57 9.22 6.64
CA ILE A 193 -7.32 8.57 6.29
C ILE A 193 -6.67 8.06 7.56
N LEU A 194 -6.26 6.80 7.56
CA LEU A 194 -5.49 6.22 8.65
C LEU A 194 -4.05 6.01 8.17
N GLN A 195 -3.09 6.46 8.96
CA GLN A 195 -1.68 6.39 8.60
C GLN A 195 -0.94 5.64 9.70
N VAL A 196 -0.40 4.47 9.36
CA VAL A 196 0.23 3.59 10.34
C VAL A 196 1.67 3.36 9.93
N VAL A 197 2.59 3.85 10.77
CA VAL A 197 4.02 3.61 10.60
C VAL A 197 4.45 2.57 11.61
N THR A 198 5.13 1.52 11.15
CA THR A 198 5.57 0.43 11.99
C THR A 198 7.00 0.06 11.64
N ASN A 199 7.72 -0.44 12.62
CA ASN A 199 9.02 -1.08 12.39
C ASN A 199 8.85 -2.29 11.49
N ARG A 200 9.40 -2.24 10.26
CA ARG A 200 9.27 -3.37 9.34
C ARG A 200 9.84 -4.66 9.92
N ASP A 201 10.95 -4.57 10.67
CA ASP A 201 11.56 -5.79 11.21
C ASP A 201 10.75 -6.33 12.39
N THR A 202 10.50 -5.50 13.40
CA THR A 202 9.93 -5.97 14.67
C THR A 202 8.42 -5.95 14.70
N GLN A 203 7.76 -5.38 13.69
CA GLN A 203 6.31 -5.29 13.59
C GLN A 203 5.68 -4.38 14.64
N GLU A 204 6.45 -3.66 15.44
CA GLU A 204 5.83 -2.84 16.46
C GLU A 204 5.42 -1.49 15.88
N LEU A 205 4.36 -0.92 16.46
CA LEU A 205 3.80 0.33 15.97
C LEU A 205 4.54 1.53 16.54
N LEU A 206 4.86 2.50 15.66
CA LEU A 206 5.55 3.70 16.08
C LEU A 206 4.71 4.97 15.97
N LEU A 207 3.84 5.08 14.96
CA LEU A 207 2.98 6.27 14.81
C LEU A 207 1.71 5.91 14.04
N CYS A 208 0.57 6.25 14.63
CA CYS A 208 -0.75 6.04 14.03
C CYS A 208 -1.51 7.36 14.05
N THR A 209 -1.93 7.85 12.88
CA THR A 209 -2.53 9.17 12.79
C THR A 209 -3.82 9.14 11.98
N ALA A 210 -4.95 9.25 12.67
CA ALA A 210 -6.25 9.42 12.04
C ALA A 210 -6.39 10.86 11.52
N TYR A 211 -6.75 11.02 10.26
CA TYR A 211 -6.93 12.33 9.64
C TYR A 211 -8.41 12.53 9.34
N VAL A 212 -9.00 13.59 9.90
CA VAL A 212 -10.34 13.99 9.52
C VAL A 212 -10.23 15.32 8.81
N PHE A 213 -11.22 15.62 7.97
CA PHE A 213 -11.07 16.69 6.99
C PHE A 213 -12.27 17.63 6.96
N GLU A 214 -11.96 18.91 6.72
CA GLU A 214 -12.91 19.93 6.34
C GLU A 214 -12.28 20.78 5.25
N VAL A 215 -13.00 21.78 4.76
CA VAL A 215 -12.42 22.67 3.78
C VAL A 215 -12.29 24.05 4.39
N SER A 216 -11.32 24.80 3.87
CA SER A 216 -10.88 26.09 4.38
C SER A 216 -11.35 27.19 3.43
N THR A 217 -12.11 28.15 3.97
CA THR A 217 -12.51 29.35 3.23
C THR A 217 -11.30 30.03 2.59
N SER A 218 -10.95 29.66 1.35
CA SER A 218 -9.58 29.87 0.86
C SER A 218 -9.30 31.33 0.51
N GLU A 219 -9.51 32.20 1.49
CA GLU A 219 -8.56 33.27 1.73
C GLU A 219 -7.51 32.79 2.71
N ARG A 220 -7.95 31.95 3.66
CA ARG A 220 -7.05 31.17 4.48
C ARG A 220 -6.60 29.94 3.71
N GLY A 221 -5.30 29.70 3.68
CA GLY A 221 -4.82 28.48 3.09
C GLY A 221 -5.07 27.33 4.04
N ALA A 222 -4.35 26.22 3.89
CA ALA A 222 -4.61 25.09 4.76
C ALA A 222 -4.28 25.45 6.20
N GLN A 223 -4.64 24.55 7.11
CA GLN A 223 -4.49 24.76 8.54
C GLN A 223 -4.79 23.39 9.17
N HIS A 224 -4.45 23.24 10.45
CA HIS A 224 -4.57 21.90 11.04
C HIS A 224 -4.52 22.00 12.56
N HIS A 225 -5.06 20.98 13.21
CA HIS A 225 -5.00 20.81 14.66
C HIS A 225 -4.57 19.37 14.94
N ILE A 226 -3.62 19.19 15.85
CA ILE A 226 -3.11 17.87 16.21
C ILE A 226 -3.61 17.55 17.61
N TYR A 227 -4.12 16.33 17.79
CA TYR A 227 -4.65 15.88 19.06
C TYR A 227 -4.01 14.57 19.43
N ARG A 228 -3.89 14.32 20.74
CA ARG A 228 -3.54 13.00 21.25
C ARG A 228 -4.80 12.14 21.37
N LEU A 229 -4.84 10.99 20.72
CA LEU A 229 -5.92 10.04 20.89
C LEU A 229 -5.74 9.27 22.20
N VAL A 230 -6.78 9.30 23.04
CA VAL A 230 -6.73 8.76 24.40
C VAL A 230 -7.97 7.90 24.67
N ARG A 231 -8.06 7.39 25.89
CA ARG A 231 -9.06 6.40 26.27
C ARG A 231 -8.96 6.09 27.77
N GLY B 7 10.26 -21.42 -17.45
CA GLY B 7 10.22 -20.86 -16.10
C GLY B 7 9.62 -19.47 -16.01
N LEU B 8 9.25 -19.07 -14.79
CA LEU B 8 8.73 -17.71 -14.53
C LEU B 8 9.92 -16.77 -14.26
N GLY B 9 10.55 -16.31 -15.33
CA GLY B 9 11.69 -15.42 -15.20
C GLY B 9 12.20 -14.92 -16.55
N THR B 10 13.25 -14.11 -16.49
CA THR B 10 13.96 -13.68 -17.70
C THR B 10 15.41 -14.20 -17.66
N ALA B 11 16.22 -13.71 -18.60
CA ALA B 11 17.66 -13.91 -18.48
C ALA B 11 18.22 -13.19 -17.26
N ARG B 12 17.61 -12.07 -16.87
CA ARG B 12 18.16 -11.19 -15.86
C ARG B 12 17.61 -11.43 -14.47
N LEU B 13 16.39 -11.95 -14.35
CA LEU B 13 15.81 -12.21 -13.04
C LEU B 13 14.91 -13.43 -13.17
N GLN B 14 14.86 -14.22 -12.10
CA GLN B 14 14.02 -15.41 -12.08
C GLN B 14 13.44 -15.57 -10.69
N LEU B 15 12.14 -15.88 -10.64
CA LEU B 15 11.45 -16.15 -9.40
C LEU B 15 11.72 -17.60 -9.00
N VAL B 16 12.13 -17.77 -7.74
CA VAL B 16 12.54 -19.06 -7.21
C VAL B 16 11.44 -19.67 -6.34
N GLU B 17 10.80 -18.84 -5.51
CA GLU B 17 9.78 -19.27 -4.58
C GLU B 17 8.80 -18.13 -4.36
N PHE B 18 7.52 -18.38 -4.60
CA PHE B 18 6.47 -17.49 -4.13
C PHE B 18 5.46 -18.29 -3.28
N SER B 19 4.95 -17.66 -2.24
CA SER B 19 3.97 -18.29 -1.36
C SER B 19 3.25 -17.24 -0.52
N ALA B 20 1.92 -17.38 -0.43
CA ALA B 20 1.12 -16.63 0.52
C ALA B 20 0.52 -17.65 1.46
N PHE B 21 0.55 -17.35 2.76
CA PHE B 21 0.35 -18.38 3.77
C PHE B 21 -0.19 -17.75 5.04
N VAL B 22 -0.78 -18.59 5.89
CA VAL B 22 -1.13 -18.22 7.26
C VAL B 22 -0.50 -19.25 8.19
N GLU B 23 0.18 -18.77 9.23
CA GLU B 23 0.73 -19.60 10.28
C GLU B 23 -0.15 -19.53 11.51
N PRO B 24 -0.32 -20.64 12.23
CA PRO B 24 -1.28 -20.65 13.32
C PRO B 24 -0.91 -19.61 14.37
N PRO B 25 -1.90 -19.11 15.13
CA PRO B 25 -1.71 -18.21 16.27
C PRO B 25 -0.72 -18.76 17.31
N GLN B 32 2.52 -26.48 11.78
CA GLN B 32 3.12 -26.03 10.53
C GLN B 32 2.49 -24.73 10.04
N ARG B 33 2.05 -24.72 8.78
CA ARG B 33 1.47 -23.51 8.18
C ARG B 33 0.66 -23.90 6.96
N HIS B 34 -0.29 -23.04 6.61
CA HIS B 34 -1.19 -23.27 5.49
C HIS B 34 -0.82 -22.35 4.33
N LEU B 35 -0.65 -22.92 3.16
CA LEU B 35 -0.28 -22.19 1.94
C LEU B 35 -1.56 -21.89 1.15
N PHE B 36 -1.85 -20.63 0.90
CA PHE B 36 -2.95 -20.31 -0.03
C PHE B 36 -2.52 -20.57 -1.47
N VAL B 37 -1.41 -19.95 -1.89
CA VAL B 37 -0.79 -20.21 -3.18
C VAL B 37 0.70 -20.48 -2.98
N HIS B 38 1.31 -21.18 -3.95
CA HIS B 38 2.67 -21.65 -3.76
C HIS B 38 3.27 -22.02 -5.13
N ILE B 39 4.15 -21.15 -5.63
CA ILE B 39 4.97 -21.43 -6.80
C ILE B 39 6.36 -21.80 -6.31
N SER B 40 6.80 -23.03 -6.60
CA SER B 40 8.15 -23.47 -6.26
C SER B 40 8.89 -23.81 -7.55
N GLN B 41 10.14 -23.38 -7.64
CA GLN B 41 10.87 -23.62 -8.87
C GLN B 41 12.34 -23.97 -8.62
N HIS B 42 12.62 -24.58 -7.46
CA HIS B 42 13.98 -24.73 -6.96
C HIS B 42 14.88 -25.65 -7.81
N PRO B 50 7.72 -25.98 -22.49
CA PRO B 50 7.69 -24.56 -22.84
C PRO B 50 6.41 -23.83 -22.41
N LEU B 51 6.49 -22.70 -21.70
CA LEU B 51 5.28 -22.07 -21.17
C LEU B 51 4.31 -21.78 -22.30
N GLU B 52 3.05 -22.20 -22.09
CA GLU B 52 1.95 -21.78 -22.94
C GLU B 52 1.86 -20.27 -22.94
N SER B 53 1.38 -19.71 -24.04
CA SER B 53 1.25 -18.26 -24.14
C SER B 53 -0.21 -17.86 -24.06
N VAL B 54 -0.42 -16.60 -23.68
CA VAL B 54 -1.74 -15.99 -23.49
C VAL B 54 -1.68 -14.56 -23.98
N ASP B 55 -2.66 -14.13 -24.77
CA ASP B 55 -2.55 -12.79 -25.33
C ASP B 55 -2.98 -11.78 -24.28
N VAL B 56 -2.18 -10.72 -24.14
CA VAL B 56 -2.41 -9.73 -23.12
C VAL B 56 -3.63 -8.88 -23.43
N ARG B 57 -4.09 -8.83 -24.69
CA ARG B 57 -5.38 -8.18 -24.95
C ARG B 57 -6.48 -8.78 -24.10
N GLN B 58 -6.41 -10.11 -23.89
CA GLN B 58 -7.47 -10.87 -23.26
C GLN B 58 -7.63 -10.58 -21.78
N ILE B 59 -6.80 -9.73 -21.18
CA ILE B 59 -6.95 -9.43 -19.77
C ILE B 59 -6.67 -7.95 -19.47
N TYR B 60 -6.94 -7.07 -20.45
CA TYR B 60 -6.74 -5.63 -20.23
C TYR B 60 -7.84 -5.01 -19.35
N ASP B 61 -8.98 -5.69 -19.25
CA ASP B 61 -10.12 -5.23 -18.46
C ASP B 61 -9.94 -5.43 -16.96
N LYS B 62 -9.02 -6.31 -16.55
CA LYS B 62 -8.93 -6.79 -15.18
C LYS B 62 -7.86 -6.06 -14.37
N PHE B 63 -7.41 -4.89 -14.83
CA PHE B 63 -6.22 -4.27 -14.26
C PHE B 63 -6.38 -2.76 -14.38
N PRO B 64 -5.56 -1.98 -13.66
CA PRO B 64 -5.69 -0.53 -13.74
C PRO B 64 -5.37 -0.03 -15.14
N GLU B 65 -5.70 1.23 -15.38
CA GLU B 65 -5.41 1.86 -16.66
C GLU B 65 -4.62 3.13 -16.41
N LYS B 66 -3.62 3.38 -17.26
CA LYS B 66 -2.64 4.44 -17.07
C LYS B 66 -1.89 4.24 -15.76
N LYS B 67 -2.62 4.17 -14.65
CA LYS B 67 -2.10 3.96 -13.29
C LYS B 67 -1.19 2.74 -13.26
N GLY B 68 -0.11 2.78 -14.04
CA GLY B 68 0.76 1.63 -14.21
C GLY B 68 0.04 0.39 -14.68
N GLY B 69 -0.97 0.56 -15.53
CA GLY B 69 -1.81 -0.54 -15.93
C GLY B 69 -1.08 -1.57 -16.76
N LEU B 70 -1.81 -2.65 -17.08
CA LEU B 70 -1.24 -3.72 -17.89
C LEU B 70 -0.99 -3.26 -19.33
N ARG B 71 -1.95 -2.56 -19.92
CA ARG B 71 -1.72 -2.02 -21.26
C ARG B 71 -0.59 -1.00 -21.25
N GLU B 72 -0.50 -0.19 -20.19
CA GLU B 72 0.55 0.81 -20.10
C GLU B 72 1.93 0.17 -19.95
N LEU B 73 2.07 -0.78 -19.02
CA LEU B 73 3.38 -1.39 -18.78
C LEU B 73 3.86 -2.15 -20.00
N TYR B 74 2.97 -2.94 -20.63
CA TYR B 74 3.37 -3.82 -21.71
C TYR B 74 3.95 -3.06 -22.90
N ASP B 75 3.53 -1.80 -23.08
CA ASP B 75 4.09 -0.99 -24.16
C ASP B 75 5.50 -0.52 -23.84
N ARG B 76 5.74 -0.07 -22.60
CA ARG B 76 7.09 0.27 -22.17
C ARG B 76 8.04 -0.92 -22.26
N GLY B 77 7.51 -2.12 -22.50
CA GLY B 77 8.32 -3.30 -22.65
C GLY B 77 9.04 -3.66 -21.38
N PRO B 78 9.91 -4.65 -21.47
CA PRO B 78 10.15 -5.48 -22.64
C PRO B 78 9.15 -6.64 -22.65
N PRO B 79 8.55 -6.91 -23.82
CA PRO B 79 7.41 -7.84 -23.87
C PRO B 79 7.65 -9.21 -23.25
N HIS B 80 8.90 -9.69 -23.24
CA HIS B 80 9.30 -11.00 -22.76
C HIS B 80 9.37 -11.08 -21.24
N ALA B 81 9.15 -9.97 -20.55
CA ALA B 81 9.21 -9.92 -19.10
C ALA B 81 7.86 -10.12 -18.43
N PHE B 82 6.80 -10.36 -19.21
CA PHE B 82 5.42 -10.35 -18.72
C PHE B 82 4.82 -11.75 -18.68
N PHE B 83 4.43 -12.19 -17.49
CA PHE B 83 3.88 -13.51 -17.27
C PHE B 83 2.51 -13.43 -16.62
N LEU B 84 1.63 -14.35 -17.04
CA LEU B 84 0.32 -14.54 -16.43
C LEU B 84 0.34 -15.81 -15.59
N VAL B 85 -0.03 -15.69 -14.33
CA VAL B 85 -0.20 -16.84 -13.45
C VAL B 85 -1.67 -16.94 -13.13
N LYS B 86 -2.27 -18.10 -13.40
CA LYS B 86 -3.60 -18.41 -12.91
C LYS B 86 -3.44 -19.26 -11.65
N PHE B 87 -4.01 -18.81 -10.54
CA PHE B 87 -3.94 -19.53 -9.27
C PHE B 87 -5.22 -20.31 -8.97
N TRP B 88 -5.05 -21.40 -8.23
CA TRP B 88 -6.15 -22.15 -7.63
C TRP B 88 -5.89 -22.26 -6.13
N ALA B 89 -6.41 -21.31 -5.35
CA ALA B 89 -6.00 -21.17 -3.96
C ALA B 89 -6.74 -22.12 -3.03
N ASP B 90 -6.03 -22.58 -2.01
CA ASP B 90 -6.59 -23.38 -0.92
C ASP B 90 -7.11 -22.46 0.17
N LEU B 91 -8.43 -22.45 0.40
CA LEU B 91 -9.03 -21.67 1.48
C LEU B 91 -9.54 -22.55 2.60
N ASN B 92 -9.16 -23.81 2.60
CA ASN B 92 -9.60 -24.79 3.58
C ASN B 92 -8.50 -24.89 4.64
N TRP B 93 -8.59 -24.01 5.65
CA TRP B 93 -7.65 -24.01 6.76
C TRP B 93 -8.36 -23.77 8.09
N GLY B 94 -7.90 -24.47 9.13
CA GLY B 94 -8.49 -24.47 10.44
C GLY B 94 -8.53 -25.89 10.99
N PRO B 95 -8.74 -26.07 12.29
CA PRO B 95 -9.10 -27.41 12.79
C PRO B 95 -10.46 -27.90 12.28
N SER B 96 -11.55 -27.34 12.80
CA SER B 96 -12.90 -27.69 12.32
C SER B 96 -13.96 -26.79 12.94
N GLY B 109 -7.71 -15.25 14.10
CA GLY B 109 -6.31 -15.05 14.41
C GLY B 109 -5.32 -15.68 13.44
N GLY B 110 -4.04 -15.38 13.63
CA GLY B 110 -2.97 -15.92 12.81
C GLY B 110 -2.05 -14.84 12.26
N PHE B 111 -0.91 -15.30 11.74
CA PHE B 111 0.01 -14.44 10.99
C PHE B 111 -0.12 -14.74 9.51
N TYR B 112 -0.39 -13.70 8.72
CA TYR B 112 -0.72 -13.83 7.29
C TYR B 112 0.43 -13.18 6.54
N GLY B 113 1.35 -14.01 6.04
CA GLY B 113 2.57 -13.56 5.41
C GLY B 113 2.58 -13.81 3.92
N VAL B 114 3.63 -13.29 3.29
CA VAL B 114 3.92 -13.47 1.88
C VAL B 114 5.44 -13.56 1.72
N SER B 115 5.93 -14.64 1.11
CA SER B 115 7.37 -14.84 0.93
C SER B 115 7.68 -14.93 -0.56
N SER B 116 8.49 -14.00 -1.06
CA SER B 116 9.03 -14.07 -2.41
C SER B 116 10.55 -14.25 -2.40
N GLN B 117 11.04 -14.97 -3.38
CA GLN B 117 12.48 -15.13 -3.55
C GLN B 117 12.83 -15.03 -5.02
N TYR B 118 13.91 -14.33 -5.32
CA TYR B 118 14.34 -14.11 -6.69
C TYR B 118 15.82 -14.44 -6.82
N GLU B 119 16.31 -14.42 -8.06
CA GLU B 119 17.68 -14.78 -8.35
C GLU B 119 18.20 -13.99 -9.53
N SER B 120 19.51 -13.75 -9.53
CA SER B 120 20.12 -13.05 -10.63
C SER B 120 21.57 -13.51 -10.79
N LEU B 121 22.08 -13.28 -12.00
CA LEU B 121 23.53 -13.33 -12.18
C LEU B 121 24.17 -11.98 -11.88
N GLU B 122 23.58 -10.88 -12.35
CA GLU B 122 24.16 -9.58 -12.03
C GLU B 122 23.64 -9.10 -10.68
N HIS B 123 24.34 -8.10 -10.12
CA HIS B 123 24.06 -7.56 -8.78
C HIS B 123 23.17 -6.32 -8.87
N MET B 124 21.98 -6.41 -8.29
CA MET B 124 20.97 -5.36 -8.45
C MET B 124 20.34 -5.07 -7.10
N THR B 125 19.62 -3.96 -7.05
CA THR B 125 18.62 -3.77 -6.01
C THR B 125 17.24 -3.73 -6.68
N LEU B 126 16.29 -4.51 -6.15
CA LEU B 126 14.94 -4.59 -6.72
C LEU B 126 13.96 -3.73 -5.93
N THR B 127 13.20 -2.88 -6.61
CA THR B 127 11.91 -2.42 -6.07
C THR B 127 10.80 -3.31 -6.64
N CYS B 128 10.09 -4.01 -5.76
CA CYS B 128 8.95 -4.86 -6.11
C CYS B 128 7.63 -4.22 -5.70
N SER B 129 6.79 -3.90 -6.68
CA SER B 129 5.51 -3.29 -6.40
C SER B 129 4.39 -4.32 -6.58
N SER B 130 3.52 -4.44 -5.58
CA SER B 130 2.28 -5.20 -5.69
C SER B 130 1.09 -4.25 -5.76
N LYS B 131 0.19 -4.51 -6.71
CA LYS B 131 -1.02 -3.71 -6.90
C LYS B 131 -2.21 -4.66 -6.91
N VAL B 132 -2.93 -4.70 -5.80
CA VAL B 132 -4.18 -5.47 -5.72
C VAL B 132 -5.31 -4.66 -6.35
N CYS B 133 -5.95 -5.21 -7.37
CA CYS B 133 -7.05 -4.54 -8.03
C CYS B 133 -8.37 -5.23 -7.71
N SER B 134 -9.41 -4.44 -7.47
CA SER B 134 -10.73 -4.95 -7.13
C SER B 134 -11.72 -4.29 -8.06
N PHE B 135 -12.34 -5.07 -8.93
CA PHE B 135 -13.15 -4.55 -10.03
C PHE B 135 -12.34 -3.53 -10.84
N GLY B 136 -11.19 -3.98 -11.33
CA GLY B 136 -10.32 -3.12 -12.10
C GLY B 136 -9.62 -2.05 -11.28
N LYS B 137 -10.37 -1.38 -10.41
CA LYS B 137 -9.80 -0.29 -9.63
C LYS B 137 -8.86 -0.83 -8.56
N GLN B 138 -7.76 -0.11 -8.35
CA GLN B 138 -6.66 -0.57 -7.52
C GLN B 138 -6.95 -0.17 -6.08
N VAL B 139 -7.06 -1.15 -5.19
CA VAL B 139 -7.41 -0.88 -3.80
C VAL B 139 -6.21 -0.98 -2.87
N VAL B 140 -5.11 -1.61 -3.31
CA VAL B 140 -3.89 -1.70 -2.52
C VAL B 140 -2.69 -1.57 -3.46
N GLU B 141 -1.71 -0.75 -3.06
CA GLU B 141 -0.37 -0.77 -3.65
C GLU B 141 0.63 -0.98 -2.53
N LYS B 142 1.47 -1.99 -2.67
CA LYS B 142 2.52 -2.27 -1.71
C LYS B 142 3.85 -2.12 -2.45
N VAL B 143 4.87 -1.53 -1.81
CA VAL B 143 6.14 -1.30 -2.49
C VAL B 143 7.30 -1.66 -1.59
N GLU B 144 8.10 -2.64 -1.99
CA GLU B 144 9.25 -3.10 -1.23
C GLU B 144 10.55 -2.94 -2.02
N THR B 145 11.65 -2.98 -1.30
CA THR B 145 12.98 -2.81 -1.88
C THR B 145 13.89 -3.91 -1.35
N GLU B 146 14.45 -4.71 -2.26
CA GLU B 146 15.39 -5.76 -1.87
C GLU B 146 16.68 -5.64 -2.65
N ARG B 147 17.79 -5.60 -1.91
CA ARG B 147 19.12 -5.55 -2.52
C ARG B 147 19.71 -6.94 -2.59
N ALA B 148 20.65 -7.10 -3.51
CA ALA B 148 21.22 -8.42 -3.79
C ALA B 148 21.97 -8.95 -2.58
N GLN B 149 21.83 -10.26 -2.35
CA GLN B 149 22.65 -10.99 -1.39
C GLN B 149 23.36 -12.10 -2.14
N LEU B 150 24.69 -12.16 -2.01
CA LEU B 150 25.46 -13.17 -2.74
C LEU B 150 25.28 -14.54 -2.08
N GLU B 151 24.93 -15.54 -2.90
CA GLU B 151 24.86 -16.91 -2.44
C GLU B 151 25.48 -17.80 -3.51
N ASP B 152 25.53 -19.11 -3.24
CA ASP B 152 26.27 -20.10 -4.02
C ASP B 152 26.49 -19.65 -5.45
N GLY B 153 27.40 -18.69 -5.64
CA GLY B 153 27.79 -18.20 -6.94
C GLY B 153 26.76 -17.39 -7.68
N ARG B 154 25.60 -17.09 -7.06
CA ARG B 154 24.57 -16.25 -7.64
C ARG B 154 24.08 -15.21 -6.61
N PHE B 155 23.31 -14.24 -7.10
CA PHE B 155 22.65 -13.24 -6.26
C PHE B 155 21.18 -13.63 -6.03
N VAL B 156 20.79 -13.68 -4.76
CA VAL B 156 19.43 -14.00 -4.35
C VAL B 156 18.79 -12.76 -3.73
N TYR B 157 17.48 -12.65 -3.91
CA TYR B 157 16.70 -11.56 -3.35
C TYR B 157 15.61 -12.19 -2.48
N ARG B 158 15.73 -12.03 -1.17
CA ARG B 158 14.81 -12.70 -0.25
C ARG B 158 13.87 -11.68 0.37
N LEU B 159 12.61 -11.72 -0.05
CA LEU B 159 11.56 -10.92 0.54
C LEU B 159 10.62 -11.85 1.28
N LEU B 160 11.12 -12.40 2.38
CA LEU B 160 10.43 -13.45 3.12
C LEU B 160 9.56 -12.88 4.24
N ARG B 161 8.36 -13.48 4.37
CA ARG B 161 7.43 -13.27 5.48
C ARG B 161 7.04 -11.80 5.64
N SER B 162 6.71 -11.15 4.54
CA SER B 162 6.13 -9.80 4.61
C SER B 162 4.72 -9.91 5.14
N PRO B 163 4.31 -9.06 6.08
CA PRO B 163 2.90 -9.07 6.50
C PRO B 163 2.00 -8.74 5.33
N MET B 164 1.13 -9.71 5.00
CA MET B 164 0.05 -9.49 4.04
C MET B 164 -0.92 -8.44 4.57
N CYS B 165 -1.41 -7.58 3.68
CA CYS B 165 -2.08 -6.38 4.14
C CYS B 165 -3.49 -6.67 4.65
N GLU B 166 -3.95 -5.79 5.54
CA GLU B 166 -5.23 -5.98 6.22
C GLU B 166 -6.40 -6.15 5.25
N TYR B 167 -6.30 -5.55 4.06
CA TYR B 167 -7.33 -5.74 3.06
C TYR B 167 -7.45 -7.21 2.71
N LEU B 168 -6.36 -7.82 2.25
CA LEU B 168 -6.41 -9.22 1.86
C LEU B 168 -6.85 -10.12 3.02
N VAL B 169 -6.36 -9.86 4.23
CA VAL B 169 -6.76 -10.67 5.37
C VAL B 169 -8.27 -10.58 5.61
N ASN B 170 -8.82 -9.35 5.65
CA ASN B 170 -10.26 -9.16 5.81
C ASN B 170 -11.03 -9.89 4.72
N PHE B 171 -10.69 -9.60 3.46
CA PHE B 171 -11.29 -10.27 2.31
C PHE B 171 -11.15 -11.79 2.39
N LEU B 172 -10.08 -12.30 3.02
CA LEU B 172 -9.92 -13.75 3.18
C LEU B 172 -10.86 -14.30 4.24
N HIS B 173 -11.07 -13.56 5.33
CA HIS B 173 -12.02 -14.03 6.33
C HIS B 173 -13.44 -14.03 5.78
N LYS B 174 -13.74 -13.06 4.92
CA LYS B 174 -15.05 -12.98 4.30
C LYS B 174 -15.21 -14.05 3.23
N LEU B 175 -14.19 -14.21 2.39
CA LEU B 175 -14.24 -15.22 1.32
C LEU B 175 -14.29 -16.63 1.88
N ARG B 176 -13.59 -16.87 2.99
CA ARG B 176 -13.47 -18.24 3.50
C ARG B 176 -14.84 -18.83 3.75
N GLN B 177 -15.74 -18.04 4.31
CA GLN B 177 -16.99 -18.51 4.89
C GLN B 177 -18.14 -18.62 3.90
N LEU B 178 -17.99 -18.16 2.66
CA LEU B 178 -19.00 -18.44 1.64
C LEU B 178 -19.28 -19.95 1.57
N PRO B 179 -20.53 -20.36 1.37
CA PRO B 179 -20.86 -21.78 1.51
C PRO B 179 -20.57 -22.65 0.30
N GLU B 180 -20.21 -22.09 -0.86
CA GLU B 180 -19.99 -22.88 -2.06
C GLU B 180 -18.78 -22.43 -2.86
N ARG B 181 -18.06 -23.42 -3.41
CA ARG B 181 -16.87 -23.11 -4.19
C ARG B 181 -17.20 -22.19 -5.36
N TYR B 182 -18.32 -22.45 -6.06
CA TYR B 182 -18.67 -21.59 -7.19
C TYR B 182 -18.97 -20.16 -6.76
N MET B 183 -19.31 -19.94 -5.48
CA MET B 183 -19.52 -18.54 -5.14
C MET B 183 -18.21 -17.82 -4.89
N MET B 184 -17.18 -18.49 -4.33
CA MET B 184 -15.87 -17.86 -4.24
C MET B 184 -15.34 -17.51 -5.62
N ASN B 185 -15.60 -18.36 -6.61
CA ASN B 185 -15.08 -18.03 -7.94
C ASN B 185 -15.81 -16.82 -8.55
N SER B 186 -17.09 -16.63 -8.23
CA SER B 186 -17.81 -15.45 -8.70
C SER B 186 -17.22 -14.18 -8.11
N VAL B 187 -16.95 -14.20 -6.80
CA VAL B 187 -16.33 -13.05 -6.15
C VAL B 187 -14.96 -12.79 -6.73
N LEU B 188 -14.16 -13.87 -6.93
CA LEU B 188 -12.75 -13.73 -7.28
C LEU B 188 -12.56 -13.32 -8.72
N GLU B 189 -13.48 -13.69 -9.62
CA GLU B 189 -13.51 -13.20 -10.99
C GLU B 189 -13.08 -11.73 -11.10
N ASN B 190 -13.39 -10.89 -10.11
CA ASN B 190 -13.10 -9.45 -10.17
C ASN B 190 -11.82 -9.04 -9.46
N PHE B 191 -11.26 -9.91 -8.64
CA PHE B 191 -10.10 -9.58 -7.82
C PHE B 191 -8.83 -10.10 -8.50
N THR B 192 -7.86 -9.21 -8.76
CA THR B 192 -6.61 -9.59 -9.43
C THR B 192 -5.43 -8.83 -8.82
N ILE B 193 -4.22 -9.36 -9.03
CA ILE B 193 -2.99 -8.73 -8.55
C ILE B 193 -2.06 -8.48 -9.73
N LEU B 194 -1.24 -7.44 -9.63
CA LEU B 194 -0.28 -7.08 -10.67
C LEU B 194 1.03 -6.75 -9.98
N GLN B 195 2.05 -7.60 -10.20
CA GLN B 195 3.36 -7.44 -9.58
C GLN B 195 4.38 -6.94 -10.60
N VAL B 196 5.10 -5.90 -10.24
CA VAL B 196 6.13 -5.34 -11.12
C VAL B 196 7.45 -5.26 -10.37
N VAL B 197 8.45 -6.03 -10.81
CA VAL B 197 9.81 -5.93 -10.30
C VAL B 197 10.65 -5.14 -11.28
N THR B 198 11.40 -4.19 -10.76
CA THR B 198 12.29 -3.40 -11.61
C THR B 198 13.62 -3.22 -10.92
N ASN B 199 14.63 -2.94 -11.74
CA ASN B 199 15.93 -2.45 -11.30
C ASN B 199 15.74 -1.12 -10.59
N ARG B 200 15.95 -1.07 -9.26
CA ARG B 200 15.84 0.20 -8.55
C ARG B 200 16.70 1.27 -9.21
N ASP B 201 17.98 0.96 -9.45
CA ASP B 201 18.98 1.96 -9.85
C ASP B 201 18.82 2.42 -11.28
N THR B 202 18.04 1.73 -12.10
CA THR B 202 17.92 2.12 -13.49
C THR B 202 16.47 2.31 -13.96
N GLN B 203 15.48 2.04 -13.11
CA GLN B 203 14.07 2.21 -13.42
C GLN B 203 13.55 1.25 -14.47
N GLU B 204 14.37 0.29 -14.93
CA GLU B 204 13.98 -0.61 -16.00
C GLU B 204 13.31 -1.84 -15.41
N LEU B 205 12.33 -2.37 -16.15
CA LEU B 205 11.47 -3.44 -15.66
C LEU B 205 12.16 -4.78 -15.79
N LEU B 206 12.15 -5.56 -14.72
CA LEU B 206 12.72 -6.89 -14.73
C LEU B 206 11.68 -7.98 -14.86
N LEU B 207 10.53 -7.83 -14.18
CA LEU B 207 9.44 -8.80 -14.19
C LEU B 207 8.11 -8.08 -13.99
N CYS B 208 7.11 -8.52 -14.72
CA CYS B 208 5.74 -8.07 -14.50
C CYS B 208 4.82 -9.28 -14.59
N THR B 209 4.32 -9.75 -13.45
CA THR B 209 3.38 -10.86 -13.37
C THR B 209 1.96 -10.40 -13.07
N ALA B 210 1.00 -10.90 -13.87
CA ALA B 210 -0.43 -10.74 -13.63
C ALA B 210 -0.96 -12.00 -12.96
N TYR B 211 -1.67 -11.85 -11.85
CA TYR B 211 -2.27 -12.97 -11.15
C TYR B 211 -3.80 -12.95 -11.23
N VAL B 212 -4.40 -14.08 -11.62
CA VAL B 212 -5.84 -14.28 -11.55
C VAL B 212 -6.13 -15.48 -10.65
N PHE B 213 -7.36 -15.52 -10.13
CA PHE B 213 -7.68 -16.45 -9.06
C PHE B 213 -8.97 -17.24 -9.24
N GLU B 214 -8.90 -18.51 -8.87
CA GLU B 214 -10.04 -19.31 -8.46
C GLU B 214 -9.64 -19.99 -7.15
N VAL B 215 -10.57 -20.73 -6.56
CA VAL B 215 -10.25 -21.55 -5.39
C VAL B 215 -10.22 -22.99 -5.86
N SER B 216 -9.33 -23.78 -5.26
CA SER B 216 -9.25 -25.19 -5.57
C SER B 216 -10.05 -25.98 -4.55
N THR B 217 -10.36 -27.21 -4.92
CA THR B 217 -11.20 -28.06 -4.10
C THR B 217 -10.44 -28.44 -2.83
N SER B 218 -11.20 -28.96 -1.86
CA SER B 218 -10.66 -29.17 -0.53
C SER B 218 -9.48 -30.14 -0.54
N GLU B 219 -9.65 -31.29 -1.21
CA GLU B 219 -8.63 -32.34 -1.21
C GLU B 219 -7.58 -32.15 -2.32
N ARG B 220 -7.99 -31.61 -3.46
CA ARG B 220 -7.18 -31.54 -4.67
C ARG B 220 -6.05 -30.52 -4.57
N GLY B 221 -6.08 -29.61 -3.61
CA GLY B 221 -4.90 -28.85 -3.27
C GLY B 221 -4.59 -27.71 -4.22
N ALA B 222 -3.75 -26.80 -3.73
CA ALA B 222 -3.34 -25.59 -4.46
C ALA B 222 -2.65 -25.93 -5.77
N GLN B 223 -2.81 -25.05 -6.77
CA GLN B 223 -2.33 -25.28 -8.12
C GLN B 223 -2.17 -23.95 -8.85
N HIS B 224 -1.26 -23.92 -9.82
CA HIS B 224 -1.07 -22.76 -10.68
C HIS B 224 -0.76 -23.22 -12.10
N HIS B 225 -0.76 -22.26 -13.01
CA HIS B 225 -0.45 -22.50 -14.42
C HIS B 225 0.16 -21.20 -14.91
N ILE B 226 1.46 -21.23 -15.26
CA ILE B 226 2.20 -20.02 -15.61
C ILE B 226 2.22 -19.88 -17.12
N TYR B 227 1.99 -18.66 -17.61
CA TYR B 227 1.95 -18.41 -19.04
C TYR B 227 2.76 -17.16 -19.38
N ARG B 228 3.13 -17.09 -20.65
CA ARG B 228 3.70 -15.88 -21.23
C ARG B 228 2.58 -15.05 -21.81
N LEU B 229 2.56 -13.74 -21.53
CA LEU B 229 1.68 -12.88 -22.30
C LEU B 229 2.37 -12.39 -23.57
N VAL B 230 1.65 -12.48 -24.67
CA VAL B 230 2.14 -12.09 -25.99
C VAL B 230 1.17 -11.11 -26.61
N ARG B 231 1.35 -10.80 -27.90
CA ARG B 231 0.48 -9.82 -28.54
C ARG B 231 0.38 -10.04 -30.06
C13 A1H3X C . -3.18 12.21 1.73
C17 A1H3X C . -6.41 15.80 1.36
C20 A1H3X C . -9.13 16.55 0.72
C21 A1H3X C . -8.80 15.28 1.16
C22 A1H3X C . -7.47 14.91 1.47
C24 A1H3X C . -3.10 12.84 4.51
C01 A1H3X C . 1.35 8.82 -1.43
C02 A1H3X C . 0.47 7.65 -1.91
C04 A1H3X C . -1.54 8.90 -1.31
C06 A1H3X C . -1.82 9.66 -0.05
C07 A1H3X C . -1.49 9.27 1.21
C08 A1H3X C . -1.75 10.06 2.43
C09 A1H3X C . -1.34 9.72 3.73
C11 A1H3X C . -2.47 11.68 4.00
C12 A1H3X C . -2.49 11.34 2.61
C14 A1H3X C . -3.80 13.37 2.22
C16 A1H3X C . -4.97 15.45 1.72
C18 A1H3X C . -6.76 17.09 0.91
C19 A1H3X C . -8.10 17.46 0.60
C23 A1H3X C . -3.76 13.67 3.60
N10 A1H3X C . -1.75 10.68 4.67
O03 A1H3X C . -0.85 7.71 -1.26
O05 A1H3X C . -1.89 9.29 -2.43
O15 A1H3X C . -4.48 14.19 1.31
#